data_7TI1
#
_entry.id   7TI1
#
_cell.length_a   68.960
_cell.length_b   77.980
_cell.length_c   62.260
_cell.angle_alpha   90.000
_cell.angle_beta   90.000
_cell.angle_gamma   90.000
#
_symmetry.space_group_name_H-M   'P 21 21 2'
#
loop_
_entity.id
_entity.type
_entity.pdbx_description
1 polymer Beta-lactamase
2 non-polymer '{(3R,7S)-2-hydroxy-3-[2-(thiophen-2-yl)acetamido]-2,3,4,7-tetrahydro-1,2-oxaborepin-7-yl}acetic acid'
3 non-polymer 1,2-ETHANEDIOL
4 non-polymer 'CHLORIDE ION'
5 water water
#
_entity_poly.entity_id   1
_entity_poly.type   'polypeptide(L)'
_entity_poly.pdbx_seq_one_letter_code
;MMRKSLCCALLLGISCSALATPVSEKQLAEVVANTITPLMKAQSVPGMAVAVIYQGKPHYYTFGKADIAANKPVTPQTLF
ELGSISKTFTGVLGGDAIARGEISLDDAVTRYWPQLTGKQWQGIRMLDLATYTAGGLPLQVPDEVTDNASLLRFYQNWQP
QWKPGTTRLYANASIGLFGALAVKPSGMPYEQAMTTRVLKPLKLDHTWINVPKAEEAHYAWGYRDGKAVRVSPGMLDAQA
YGVKTNVQDMANWVMANMAPENVADASLKQGIALAQSRYWRIGSMYQGLGWEMLNWPVEANTVVEGSDSKVALAPLPVAE
VNPPAPPVKASWVHKTGSTGGFGSYVAFIPEKQIGIVMLANTSYPNPARVEAAYHILEALQLE
;
_entity_poly.pdbx_strand_id   A
#
# COMPACT_ATOMS: atom_id res chain seq x y z
N VAL A 23 27.78 -1.73 -9.66
CA VAL A 23 27.46 -2.94 -8.87
C VAL A 23 26.94 -3.95 -9.86
N SER A 24 27.61 -5.11 -9.96
CA SER A 24 27.25 -6.13 -10.95
C SER A 24 26.03 -6.97 -10.54
N GLU A 25 25.43 -7.63 -11.53
CA GLU A 25 24.37 -8.62 -11.27
C GLU A 25 24.82 -9.65 -10.23
N LYS A 26 26.06 -10.13 -10.36
CA LYS A 26 26.55 -11.16 -9.46
C LYS A 26 26.65 -10.62 -8.03
N GLN A 27 27.21 -9.43 -7.88
CA GLN A 27 27.38 -8.82 -6.54
C GLN A 27 26.01 -8.55 -5.94
N LEU A 28 25.08 -8.01 -6.75
CA LEU A 28 23.71 -7.75 -6.30
C LEU A 28 23.04 -9.03 -5.80
N ALA A 29 23.15 -10.13 -6.56
CA ALA A 29 22.58 -11.40 -6.11
C ALA A 29 23.15 -11.84 -4.74
N GLU A 30 24.45 -11.61 -4.51
CA GLU A 30 25.11 -11.93 -3.22
C GLU A 30 24.61 -11.06 -2.06
N VAL A 31 24.49 -9.77 -2.30
CA VAL A 31 23.97 -8.87 -1.27
C VAL A 31 22.55 -9.27 -0.89
N VAL A 32 21.73 -9.60 -1.88
CA VAL A 32 20.36 -10.01 -1.58
C VAL A 32 20.36 -11.31 -0.79
N ALA A 33 21.07 -12.33 -1.28
CA ALA A 33 21.09 -13.64 -0.61
C ALA A 33 21.58 -13.50 0.82
N ASN A 34 22.62 -12.70 1.01
CA ASN A 34 23.25 -12.55 2.34
C ASN A 34 22.40 -11.73 3.34
N THR A 35 21.40 -10.99 2.83
CA THR A 35 20.48 -10.27 3.70
C THR A 35 19.21 -11.10 3.98
N ILE A 36 18.64 -11.68 2.93
CA ILE A 36 17.38 -12.39 3.01
C ILE A 36 17.49 -13.73 3.72
N THR A 37 18.53 -14.52 3.42
CA THR A 37 18.65 -15.86 4.03
C THR A 37 18.69 -15.80 5.57
N PRO A 38 19.57 -14.99 6.16
CA PRO A 38 19.52 -14.85 7.62
C PRO A 38 18.18 -14.31 8.14
N LEU A 39 17.54 -13.45 7.35
CA LEU A 39 16.29 -12.83 7.76
C LEU A 39 15.27 -13.92 7.89
N MET A 40 15.20 -14.79 6.87
CA MET A 40 14.17 -15.83 6.84
C MET A 40 14.35 -16.81 8.00
N LYS A 41 15.61 -17.13 8.28
CA LYS A 41 15.93 -18.03 9.39
C LYS A 41 15.52 -17.41 10.72
N ALA A 42 15.97 -16.18 10.95
CA ALA A 42 15.68 -15.47 12.20
C ALA A 42 14.19 -15.24 12.43
N GLN A 43 13.45 -14.96 11.35
CA GLN A 43 12.01 -14.68 11.47
C GLN A 43 11.08 -15.85 11.12
N SER A 44 11.65 -17.03 10.92
CA SER A 44 10.87 -18.23 10.60
C SER A 44 9.93 -18.04 9.40
N VAL A 45 10.46 -17.44 8.34
CA VAL A 45 9.69 -17.20 7.12
C VAL A 45 9.85 -18.35 6.13
N PRO A 46 8.74 -19.04 5.78
CA PRO A 46 8.88 -20.17 4.86
C PRO A 46 9.37 -19.78 3.45
N GLY A 47 8.85 -18.68 2.91
CA GLY A 47 9.17 -18.28 1.57
C GLY A 47 9.14 -16.79 1.33
N MET A 48 10.01 -16.33 0.44
CA MET A 48 10.07 -14.97 0.05
C MET A 48 10.35 -14.83 -1.43
N ALA A 49 9.72 -13.84 -2.04
CA ALA A 49 10.10 -13.37 -3.38
C ALA A 49 10.53 -11.90 -3.28
N VAL A 50 11.69 -11.61 -3.84
CA VAL A 50 12.30 -10.29 -3.80
C VAL A 50 12.56 -9.76 -5.25
N ALA A 51 12.24 -8.49 -5.48
CA ALA A 51 12.73 -7.79 -6.69
C ALA A 51 13.51 -6.56 -6.30
N VAL A 52 14.66 -6.37 -6.97
CA VAL A 52 15.41 -5.13 -6.86
C VAL A 52 15.33 -4.46 -8.21
N ILE A 53 14.93 -3.18 -8.17
CA ILE A 53 14.86 -2.38 -9.37
C ILE A 53 16.15 -1.60 -9.44
N TYR A 54 16.90 -1.80 -10.52
CA TYR A 54 18.21 -1.22 -10.67
C TYR A 54 18.62 -1.20 -12.15
N GLN A 55 19.19 -0.05 -12.58
CA GLN A 55 19.67 0.16 -13.95
C GLN A 55 18.57 -0.10 -14.99
N GLY A 56 17.37 0.37 -14.71
CA GLY A 56 16.27 0.28 -15.67
C GLY A 56 15.45 -1.01 -15.70
N LYS A 57 15.74 -1.99 -14.84
CA LYS A 57 15.01 -3.23 -14.91
C LYS A 57 14.92 -3.94 -13.58
N PRO A 58 13.97 -4.88 -13.45
CA PRO A 58 13.87 -5.69 -12.24
C PRO A 58 14.85 -6.83 -12.23
N HIS A 59 15.21 -7.24 -11.02
CA HIS A 59 16.02 -8.41 -10.80
C HIS A 59 15.32 -9.23 -9.77
N TYR A 60 15.13 -10.51 -10.05
CA TYR A 60 14.27 -11.36 -9.20
C TYR A 60 15.07 -12.40 -8.44
N TYR A 61 14.71 -12.59 -7.16
CA TYR A 61 15.32 -13.58 -6.25
C TYR A 61 14.16 -14.27 -5.50
N THR A 62 14.15 -15.61 -5.49
CA THR A 62 13.12 -16.35 -4.86
C THR A 62 13.76 -17.33 -3.87
N PHE A 63 13.08 -17.52 -2.74
CA PHE A 63 13.59 -18.29 -1.63
C PHE A 63 12.48 -19.15 -0.99
N GLY A 64 12.83 -20.37 -0.63
CA GLY A 64 11.98 -21.21 0.19
C GLY A 64 10.67 -21.63 -0.47
N LYS A 65 9.64 -21.77 0.36
CA LYS A 65 8.40 -22.46 -0.02
C LYS A 65 7.15 -21.58 0.04
N ALA A 66 6.33 -21.72 -0.99
CA ALA A 66 5.04 -21.07 -1.10
C ALA A 66 4.00 -21.85 -0.31
N ASP A 67 4.19 -23.17 -0.21
CA ASP A 67 3.26 -24.08 0.44
C ASP A 67 4.07 -25.22 1.00
N ILE A 68 4.14 -25.28 2.34
CA ILE A 68 5.04 -26.23 2.98
C ILE A 68 4.55 -27.68 2.78
N ALA A 69 3.34 -27.98 3.25
CA ALA A 69 2.73 -29.32 3.13
C ALA A 69 2.81 -29.91 1.71
N ALA A 70 2.62 -29.06 0.71
CA ALA A 70 2.65 -29.48 -0.69
C ALA A 70 4.04 -29.39 -1.33
N ASN A 71 5.00 -28.90 -0.56
CA ASN A 71 6.37 -28.74 -1.04
C ASN A 71 6.47 -27.97 -2.37
N LYS A 72 5.73 -26.87 -2.46
CA LYS A 72 5.80 -26.01 -3.64
C LYS A 72 6.72 -24.82 -3.39
N PRO A 73 7.75 -24.64 -4.25
CA PRO A 73 8.72 -23.55 -4.08
C PRO A 73 8.12 -22.19 -4.44
N VAL A 74 8.64 -21.11 -3.86
CA VAL A 74 8.33 -19.75 -4.32
C VAL A 74 8.93 -19.59 -5.72
N THR A 75 8.13 -19.05 -6.62
CA THR A 75 8.56 -18.71 -7.97
C THR A 75 8.15 -17.26 -8.25
N PRO A 76 8.65 -16.69 -9.38
CA PRO A 76 8.26 -15.34 -9.76
C PRO A 76 6.78 -15.21 -10.05
N GLN A 77 6.07 -16.33 -10.24
CA GLN A 77 4.61 -16.32 -10.45
C GLN A 77 3.77 -16.55 -9.18
N THR A 78 4.41 -16.80 -8.04
CA THR A 78 3.71 -17.09 -6.78
C THR A 78 2.96 -15.84 -6.33
N LEU A 79 1.68 -15.99 -6.00
CA LEU A 79 0.84 -14.88 -5.55
C LEU A 79 0.95 -14.74 -4.03
N PHE A 80 1.19 -13.51 -3.58
CA PHE A 80 1.28 -13.18 -2.14
C PHE A 80 0.17 -12.21 -1.78
N GLU A 81 -0.31 -12.27 -0.54
CA GLU A 81 -1.23 -11.27 -0.05
C GLU A 81 -0.44 -9.99 0.30
N LEU A 82 -0.79 -8.85 -0.31
CA LEU A 82 -0.08 -7.59 -0.04
C LEU A 82 -0.50 -6.94 1.28
N GLY A 83 -1.64 -7.32 1.84
CA GLY A 83 -2.19 -6.57 2.96
C GLY A 83 -2.34 -5.10 2.58
N SER A 84 -1.89 -4.24 3.49
CA SER A 84 -2.04 -2.80 3.33
C SER A 84 -1.23 -2.13 2.22
N ILE A 85 -0.34 -2.85 1.55
CA ILE A 85 0.28 -2.26 0.33
C ILE A 85 -0.78 -2.10 -0.76
N SER A 86 -1.90 -2.84 -0.62
CA SER A 86 -3.15 -2.58 -1.40
C SER A 86 -3.54 -1.07 -1.42
N LYS A 87 -3.25 -0.37 -0.33
CA LYS A 87 -3.57 1.05 -0.19
C LYS A 87 -2.85 1.92 -1.21
N THR A 88 -1.69 1.48 -1.71
CA THR A 88 -1.01 2.23 -2.77
C THR A 88 -1.78 2.19 -4.11
N PHE A 89 -2.40 1.07 -4.41
CA PHE A 89 -3.31 0.94 -5.55
C PHE A 89 -4.54 1.81 -5.34
N THR A 90 -5.05 1.86 -4.10
CA THR A 90 -6.22 2.69 -3.79
C THR A 90 -5.87 4.16 -4.01
N GLY A 91 -4.69 4.55 -3.55
CA GLY A 91 -4.22 5.91 -3.68
C GLY A 91 -4.08 6.35 -5.13
N VAL A 92 -3.50 5.49 -5.97
CA VAL A 92 -3.31 5.79 -7.39
C VAL A 92 -4.66 5.78 -8.16
N LEU A 93 -5.57 4.84 -7.86
CA LEU A 93 -6.86 4.84 -8.53
C LEU A 93 -7.65 6.12 -8.18
N GLY A 94 -7.58 6.55 -6.90
CA GLY A 94 -8.17 7.77 -6.50
C GLY A 94 -7.54 8.96 -7.20
N GLY A 95 -6.20 8.95 -7.36
CA GLY A 95 -5.52 10.03 -8.07
C GLY A 95 -5.98 10.13 -9.50
N ASP A 96 -6.19 8.96 -10.10
CA ASP A 96 -6.62 8.88 -11.48
C ASP A 96 -8.01 9.49 -11.62
N ALA A 97 -8.90 9.20 -10.67
CA ALA A 97 -10.23 9.82 -10.62
C ALA A 97 -10.13 11.34 -10.49
N ILE A 98 -9.18 11.82 -9.69
CA ILE A 98 -8.99 13.26 -9.54
C ILE A 98 -8.58 13.82 -10.91
N ALA A 99 -7.61 13.18 -11.55
CA ALA A 99 -7.09 13.65 -12.83
C ALA A 99 -8.11 13.55 -13.97
N ARG A 100 -9.12 12.69 -13.85
CA ARG A 100 -10.22 12.64 -14.83
C ARG A 100 -11.25 13.75 -14.55
N GLY A 101 -11.12 14.42 -13.41
CA GLY A 101 -12.08 15.44 -12.98
C GLY A 101 -13.34 14.88 -12.31
N GLU A 102 -13.34 13.61 -11.93
CA GLU A 102 -14.51 12.94 -11.36
C GLU A 102 -14.72 13.25 -9.87
N ILE A 103 -13.62 13.37 -9.13
CA ILE A 103 -13.66 13.83 -7.74
C ILE A 103 -12.61 14.93 -7.54
N SER A 104 -12.71 15.63 -6.41
CA SER A 104 -11.68 16.54 -5.91
C SER A 104 -11.45 16.18 -4.46
N LEU A 105 -10.18 16.22 -4.05
CA LEU A 105 -9.86 15.97 -2.64
C LEU A 105 -10.40 17.08 -1.71
N ASP A 106 -10.69 18.23 -2.28
CA ASP A 106 -11.28 19.32 -1.49
C ASP A 106 -12.79 19.19 -1.26
N ASP A 107 -13.44 18.26 -1.95
CA ASP A 107 -14.87 18.07 -1.82
C ASP A 107 -15.17 17.38 -0.50
N ALA A 108 -16.34 17.73 0.05
CA ALA A 108 -16.89 17.07 1.22
C ALA A 108 -17.17 15.60 0.89
N VAL A 109 -16.86 14.72 1.83
CA VAL A 109 -17.18 13.30 1.70
C VAL A 109 -18.67 13.12 1.33
N THR A 110 -19.52 13.96 1.92
CA THR A 110 -20.99 13.88 1.71
C THR A 110 -21.44 14.18 0.28
N ARG A 111 -20.59 14.86 -0.49
CA ARG A 111 -20.86 15.02 -1.90
C ARG A 111 -20.99 13.65 -2.62
N TYR A 112 -20.22 12.66 -2.20
CA TYR A 112 -20.23 11.34 -2.83
C TYR A 112 -21.08 10.32 -2.07
N TRP A 113 -21.58 10.70 -0.88
CA TRP A 113 -22.48 9.86 -0.12
C TRP A 113 -23.53 10.71 0.53
N PRO A 114 -24.55 11.11 -0.26
CA PRO A 114 -25.60 12.01 0.27
C PRO A 114 -26.40 11.42 1.44
N GLN A 115 -26.53 10.10 1.49
CA GLN A 115 -27.20 9.40 2.59
C GLN A 115 -26.46 9.58 3.92
N LEU A 116 -25.18 9.95 3.87
CA LEU A 116 -24.40 10.22 5.08
C LEU A 116 -24.78 11.61 5.62
N THR A 117 -25.87 11.66 6.40
CA THR A 117 -26.50 12.91 6.82
C THR A 117 -26.03 13.43 8.16
N GLY A 118 -25.28 12.66 8.93
CA GLY A 118 -24.83 13.12 10.24
C GLY A 118 -24.01 14.41 10.14
N LYS A 119 -24.32 15.36 11.01
CA LYS A 119 -23.75 16.70 10.98
C LYS A 119 -22.26 16.72 11.38
N GLN A 120 -21.78 15.65 12.02
CA GLN A 120 -20.36 15.52 12.35
C GLN A 120 -19.47 15.42 11.10
N TRP A 121 -20.05 15.08 9.94
CA TRP A 121 -19.30 14.94 8.69
C TRP A 121 -19.02 16.26 8.02
N GLN A 122 -19.68 17.33 8.44
CA GLN A 122 -19.35 18.63 7.84
C GLN A 122 -17.89 18.99 8.10
N GLY A 123 -17.22 19.43 7.04
CA GLY A 123 -15.83 19.83 7.10
C GLY A 123 -14.89 18.66 6.85
N ILE A 124 -15.41 17.44 6.71
CA ILE A 124 -14.55 16.28 6.47
C ILE A 124 -14.47 16.12 4.96
N ARG A 125 -13.26 16.24 4.41
CA ARG A 125 -13.05 16.26 2.98
C ARG A 125 -12.65 14.88 2.51
N MET A 126 -12.80 14.63 1.22
CA MET A 126 -12.26 13.43 0.64
C MET A 126 -10.73 13.30 0.95
N LEU A 127 -10.01 14.43 0.94
CA LEU A 127 -8.58 14.44 1.34
C LEU A 127 -8.37 13.80 2.71
N ASP A 128 -9.20 14.17 3.67
CA ASP A 128 -9.09 13.65 5.02
C ASP A 128 -9.32 12.15 5.05
N LEU A 129 -10.30 11.65 4.30
CA LEU A 129 -10.53 10.21 4.27
C LEU A 129 -9.35 9.48 3.70
N ALA A 130 -8.78 10.05 2.62
CA ALA A 130 -7.70 9.39 1.88
C ALA A 130 -6.40 9.29 2.69
N THR A 131 -6.21 10.25 3.60
CA THR A 131 -4.96 10.44 4.31
C THR A 131 -5.10 10.33 5.86
N TYR A 132 -6.20 9.75 6.32
CA TYR A 132 -6.35 9.31 7.72
C TYR A 132 -6.51 10.50 8.68
N THR A 133 -6.97 11.65 8.17
CA THR A 133 -7.12 12.86 9.01
C THR A 133 -8.55 13.33 9.25
N ALA A 134 -9.51 12.39 9.08
CA ALA A 134 -10.94 12.68 9.29
C ALA A 134 -11.28 13.02 10.74
N GLY A 135 -10.46 12.58 11.69
CA GLY A 135 -10.69 12.88 13.11
C GLY A 135 -10.87 11.69 14.03
N GLY A 136 -10.23 10.57 13.71
CA GLY A 136 -10.32 9.38 14.58
C GLY A 136 -11.13 8.20 14.07
N LEU A 137 -11.32 8.07 12.75
CA LEU A 137 -11.92 6.84 12.20
C LEU A 137 -11.00 5.69 12.60
N PRO A 138 -11.56 4.56 13.05
CA PRO A 138 -10.74 3.53 13.66
C PRO A 138 -9.99 2.67 12.65
N LEU A 139 -8.99 1.95 13.12
CA LEU A 139 -8.20 1.08 12.27
C LEU A 139 -9.06 0.16 11.43
N GLN A 140 -10.09 -0.44 12.02
CA GLN A 140 -10.90 -1.40 11.26
C GLN A 140 -12.36 -1.03 11.17
N VAL A 141 -12.97 -1.44 10.07
CA VAL A 141 -14.41 -1.49 9.96
C VAL A 141 -14.87 -2.64 10.89
N PRO A 142 -15.83 -2.38 11.81
CA PRO A 142 -16.28 -3.41 12.75
C PRO A 142 -16.82 -4.69 12.06
N ASP A 143 -16.54 -5.84 12.65
CA ASP A 143 -16.92 -7.12 12.05
C ASP A 143 -18.43 -7.26 11.85
N GLU A 144 -19.25 -6.55 12.61
CA GLU A 144 -20.69 -6.62 12.37
C GLU A 144 -21.16 -5.95 11.06
N VAL A 145 -20.26 -5.24 10.37
CA VAL A 145 -20.60 -4.55 9.13
C VAL A 145 -20.54 -5.56 7.99
N THR A 146 -21.69 -5.97 7.55
CA THR A 146 -21.83 -7.03 6.55
C THR A 146 -22.62 -6.60 5.28
N ASP A 147 -23.14 -5.38 5.26
CA ASP A 147 -23.91 -4.94 4.11
C ASP A 147 -23.88 -3.42 4.06
N ASN A 148 -24.56 -2.86 3.07
CA ASN A 148 -24.58 -1.42 2.90
C ASN A 148 -25.26 -0.75 4.06
N ALA A 149 -26.35 -1.35 4.55
CA ALA A 149 -27.12 -0.75 5.64
C ALA A 149 -26.25 -0.60 6.88
N SER A 150 -25.50 -1.65 7.21
CA SER A 150 -24.63 -1.67 8.36
C SER A 150 -23.40 -0.74 8.21
N LEU A 151 -22.92 -0.61 6.99
CA LEU A 151 -21.81 0.27 6.67
C LEU A 151 -22.25 1.71 6.91
N LEU A 152 -23.41 2.07 6.40
CA LEU A 152 -23.94 3.40 6.56
C LEU A 152 -24.12 3.68 8.05
N ARG A 153 -24.71 2.74 8.79
CA ARG A 153 -24.91 2.90 10.23
C ARG A 153 -23.58 3.17 10.95
N PHE A 154 -22.56 2.39 10.65
CA PHE A 154 -21.25 2.56 11.24
C PHE A 154 -20.74 4.00 11.10
N TYR A 155 -20.74 4.53 9.88
CA TYR A 155 -20.22 5.88 9.65
C TYR A 155 -21.16 6.97 10.19
N GLN A 156 -22.48 6.73 10.15
CA GLN A 156 -23.48 7.66 10.74
C GLN A 156 -23.31 7.79 12.24
N ASN A 157 -22.98 6.68 12.89
CA ASN A 157 -22.84 6.67 14.35
CA ASN A 157 -22.84 6.64 14.34
C ASN A 157 -21.45 7.07 14.86
N TRP A 158 -20.48 7.21 13.97
CA TRP A 158 -19.12 7.53 14.42
C TRP A 158 -19.02 8.93 14.94
N GLN A 159 -18.44 9.08 16.14
CA GLN A 159 -18.24 10.39 16.80
C GLN A 159 -16.74 10.74 16.77
N PRO A 160 -16.33 11.70 15.91
CA PRO A 160 -14.92 12.08 15.81
C PRO A 160 -14.34 12.53 17.16
N GLN A 161 -13.16 12.04 17.49
CA GLN A 161 -12.46 12.48 18.71
C GLN A 161 -11.70 13.79 18.46
N TRP A 162 -11.45 14.13 17.19
CA TRP A 162 -10.67 15.31 16.84
C TRP A 162 -11.34 15.98 15.69
N LYS A 163 -11.15 17.28 15.57
CA LYS A 163 -11.58 18.04 14.38
C LYS A 163 -10.79 17.54 13.14
N PRO A 164 -11.36 17.69 11.94
CA PRO A 164 -10.70 17.26 10.67
C PRO A 164 -9.43 18.00 10.46
N GLY A 165 -8.44 17.36 9.84
CA GLY A 165 -7.20 18.06 9.52
C GLY A 165 -6.30 18.37 10.72
N THR A 166 -6.46 17.64 11.83
CA THR A 166 -5.68 17.90 13.02
C THR A 166 -4.85 16.71 13.50
N THR A 167 -5.32 15.48 13.22
CA THR A 167 -4.74 14.28 13.81
C THR A 167 -4.77 13.16 12.78
N ARG A 168 -3.62 12.55 12.52
CA ARG A 168 -3.53 11.40 11.66
C ARG A 168 -3.70 10.15 12.50
N LEU A 169 -4.68 9.32 12.13
CA LEU A 169 -4.79 7.97 12.67
C LEU A 169 -4.92 6.93 11.53
N TYR A 170 -3.83 6.21 11.28
CA TYR A 170 -3.79 5.18 10.25
C TYR A 170 -4.98 4.22 10.37
N ALA A 171 -5.74 4.04 9.29
CA ALA A 171 -7.04 3.39 9.37
C ALA A 171 -7.56 2.84 8.06
N ASN A 172 -7.97 1.58 8.09
CA ASN A 172 -8.72 0.96 7.02
C ASN A 172 -10.06 1.61 6.82
N ALA A 173 -10.76 1.93 7.91
CA ALA A 173 -12.07 2.57 7.82
C ALA A 173 -12.02 3.95 7.12
N SER A 174 -10.85 4.61 7.15
CA SER A 174 -10.66 5.88 6.44
C SER A 174 -10.35 5.75 4.92
N ILE A 175 -9.16 5.27 4.56
CA ILE A 175 -8.79 5.11 3.15
C ILE A 175 -9.71 4.08 2.43
N GLY A 176 -10.18 3.07 3.14
CA GLY A 176 -11.14 2.11 2.56
C GLY A 176 -12.38 2.79 2.00
N LEU A 177 -12.98 3.67 2.81
CA LEU A 177 -14.14 4.43 2.37
C LEU A 177 -13.80 5.41 1.25
N PHE A 178 -12.65 6.09 1.33
CA PHE A 178 -12.18 6.93 0.22
C PHE A 178 -12.20 6.19 -1.13
N GLY A 179 -11.68 4.96 -1.15
CA GLY A 179 -11.61 4.19 -2.40
C GLY A 179 -12.97 3.79 -2.95
N ALA A 180 -13.88 3.41 -2.04
CA ALA A 180 -15.26 3.15 -2.40
C ALA A 180 -15.95 4.39 -2.98
N LEU A 181 -15.75 5.54 -2.37
CA LEU A 181 -16.39 6.78 -2.86
C LEU A 181 -15.71 7.34 -4.12
N ALA A 182 -14.41 7.12 -4.26
CA ALA A 182 -13.63 7.67 -5.39
C ALA A 182 -14.13 7.18 -6.77
N VAL A 183 -14.65 5.95 -6.81
CA VAL A 183 -15.10 5.33 -8.07
C VAL A 183 -16.58 5.59 -8.32
N LYS A 184 -17.31 6.14 -7.34
CA LYS A 184 -18.76 6.33 -7.55
C LYS A 184 -19.13 7.16 -8.77
N PRO A 185 -18.55 8.36 -8.94
CA PRO A 185 -19.00 9.17 -10.11
C PRO A 185 -18.83 8.49 -11.48
N SER A 186 -17.88 7.56 -11.54
CA SER A 186 -17.62 6.82 -12.78
C SER A 186 -18.71 5.83 -13.07
N GLY A 187 -19.45 5.44 -12.02
CA GLY A 187 -20.51 4.44 -12.14
C GLY A 187 -19.98 3.03 -12.12
N MET A 188 -18.66 2.86 -12.01
CA MET A 188 -18.04 1.55 -12.07
CA MET A 188 -18.02 1.54 -12.06
C MET A 188 -17.80 0.96 -10.67
N PRO A 189 -18.09 -0.34 -10.50
CA PRO A 189 -17.65 -0.95 -9.26
C PRO A 189 -16.11 -0.93 -9.10
N TYR A 190 -15.68 -1.01 -7.85
CA TYR A 190 -14.27 -0.81 -7.52
C TYR A 190 -13.31 -1.77 -8.25
N GLU A 191 -13.56 -3.08 -8.21
CA GLU A 191 -12.67 -4.05 -8.91
C GLU A 191 -12.58 -3.74 -10.39
N GLN A 192 -13.71 -3.43 -11.01
CA GLN A 192 -13.73 -3.10 -12.43
C GLN A 192 -12.90 -1.86 -12.72
N ALA A 193 -13.14 -0.80 -11.96
CA ALA A 193 -12.38 0.45 -12.09
C ALA A 193 -10.88 0.22 -11.93
N MET A 194 -10.49 -0.54 -10.92
CA MET A 194 -9.08 -0.82 -10.71
C MET A 194 -8.44 -1.52 -11.92
N THR A 195 -9.12 -2.54 -12.42
CA THR A 195 -8.64 -3.33 -13.56
C THR A 195 -8.52 -2.51 -14.84
N THR A 196 -9.57 -1.77 -15.14
CA THR A 196 -9.63 -0.99 -16.38
C THR A 196 -8.66 0.20 -16.37
N ARG A 197 -8.54 0.87 -15.22
CA ARG A 197 -7.85 2.15 -15.17
C ARG A 197 -6.43 2.07 -14.62
N VAL A 198 -6.09 1.02 -13.86
CA VAL A 198 -4.77 0.92 -13.26
C VAL A 198 -4.05 -0.33 -13.74
N LEU A 199 -4.63 -1.51 -13.50
CA LEU A 199 -3.91 -2.77 -13.74
C LEU A 199 -3.67 -3.04 -15.23
N LYS A 200 -4.71 -3.00 -16.04
CA LYS A 200 -4.56 -3.29 -17.47
C LYS A 200 -3.63 -2.31 -18.17
N PRO A 201 -3.80 -0.99 -17.94
CA PRO A 201 -2.87 -0.10 -18.65
C PRO A 201 -1.39 -0.34 -18.32
N LEU A 202 -1.12 -0.81 -17.10
CA LEU A 202 0.26 -1.09 -16.67
C LEU A 202 0.69 -2.55 -16.90
N LYS A 203 -0.18 -3.30 -17.57
CA LYS A 203 0.07 -4.72 -17.83
C LYS A 203 0.32 -5.53 -16.59
N LEU A 204 -0.44 -5.24 -15.53
CA LEU A 204 -0.33 -5.99 -14.30
C LEU A 204 -1.44 -7.03 -14.38
N ASP A 205 -1.20 -8.08 -15.18
CA ASP A 205 -2.22 -9.04 -15.55
C ASP A 205 -2.28 -10.24 -14.61
N HIS A 206 -1.47 -10.21 -13.53
CA HIS A 206 -1.52 -11.22 -12.48
C HIS A 206 -1.62 -10.59 -11.11
N THR A 207 -2.44 -9.53 -11.06
CA THR A 207 -2.72 -8.81 -9.83
C THR A 207 -4.24 -8.83 -9.65
N TRP A 208 -4.69 -9.32 -8.49
CA TRP A 208 -6.06 -9.74 -8.26
C TRP A 208 -6.61 -9.22 -6.98
N ILE A 209 -7.84 -8.68 -7.00
CA ILE A 209 -8.57 -8.44 -5.77
C ILE A 209 -9.24 -9.75 -5.38
N ASN A 210 -9.78 -10.44 -6.39
CA ASN A 210 -10.30 -11.81 -6.24
C ASN A 210 -9.52 -12.74 -7.20
N VAL A 211 -8.88 -13.76 -6.66
CA VAL A 211 -8.07 -14.68 -7.45
C VAL A 211 -8.97 -15.57 -8.30
N PRO A 212 -8.88 -15.48 -9.63
CA PRO A 212 -9.69 -16.43 -10.41
C PRO A 212 -9.29 -17.90 -10.18
N LYS A 213 -10.24 -18.80 -10.38
CA LYS A 213 -10.00 -20.26 -10.32
C LYS A 213 -8.77 -20.70 -11.09
N ALA A 214 -8.64 -20.24 -12.33
CA ALA A 214 -7.51 -20.65 -13.17
C ALA A 214 -6.15 -20.27 -12.60
N GLU A 215 -6.11 -19.31 -11.65
CA GLU A 215 -4.83 -18.81 -11.10
C GLU A 215 -4.51 -19.38 -9.73
N GLU A 216 -5.46 -20.10 -9.17
CA GLU A 216 -5.39 -20.54 -7.76
C GLU A 216 -4.17 -21.36 -7.39
N ALA A 217 -3.65 -22.12 -8.35
CA ALA A 217 -2.47 -22.94 -8.13
C ALA A 217 -1.21 -22.10 -7.83
N HIS A 218 -1.20 -20.84 -8.27
CA HIS A 218 -0.13 -19.88 -7.95
C HIS A 218 -0.20 -19.24 -6.59
N TYR A 219 -1.29 -19.43 -5.86
CA TYR A 219 -1.56 -18.69 -4.62
C TYR A 219 -0.82 -19.38 -3.47
N ALA A 220 0.18 -18.68 -2.91
CA ALA A 220 0.88 -19.17 -1.73
C ALA A 220 -0.08 -19.38 -0.56
N TRP A 221 0.33 -20.19 0.40
CA TRP A 221 -0.29 -20.16 1.73
C TRP A 221 0.47 -19.22 2.64
N GLY A 222 -0.27 -18.46 3.45
CA GLY A 222 0.33 -17.70 4.55
C GLY A 222 0.53 -18.60 5.75
N TYR A 223 1.42 -18.19 6.65
CA TYR A 223 1.75 -19.00 7.79
C TYR A 223 1.82 -18.13 9.03
N ARG A 224 1.24 -18.64 10.13
CA ARG A 224 1.32 -17.99 11.43
C ARG A 224 1.46 -19.07 12.52
N ASP A 225 2.47 -18.92 13.40
CA ASP A 225 2.75 -19.89 14.49
C ASP A 225 2.65 -21.36 14.01
N GLY A 226 3.05 -21.59 12.76
CA GLY A 226 3.04 -22.93 12.18
C GLY A 226 1.77 -23.34 11.45
N LYS A 227 0.70 -22.54 11.52
CA LYS A 227 -0.58 -22.85 10.85
C LYS A 227 -0.67 -22.12 9.52
N ALA A 228 -1.15 -22.83 8.49
CA ALA A 228 -1.45 -22.25 7.18
C ALA A 228 -2.68 -21.35 7.30
N VAL A 229 -2.63 -20.16 6.73
CA VAL A 229 -3.76 -19.22 6.78
C VAL A 229 -3.82 -18.35 5.51
N ARG A 230 -5.04 -18.04 5.06
CA ARG A 230 -5.26 -17.03 4.03
C ARG A 230 -6.30 -16.03 4.50
N VAL A 231 -6.30 -14.86 3.86
CA VAL A 231 -7.17 -13.77 4.26
C VAL A 231 -8.63 -14.14 3.99
N SER A 232 -9.51 -13.74 4.90
CA SER A 232 -10.96 -13.90 4.72
C SER A 232 -11.63 -12.60 4.29
N PRO A 233 -12.86 -12.70 3.74
CA PRO A 233 -13.57 -11.47 3.37
C PRO A 233 -13.84 -10.50 4.54
N GLY A 234 -13.78 -9.20 4.24
CA GLY A 234 -14.29 -8.16 5.13
C GLY A 234 -14.75 -6.97 4.31
N MET A 235 -15.57 -6.13 4.91
CA MET A 235 -16.07 -4.96 4.20
C MET A 235 -14.92 -3.96 3.94
N LEU A 236 -14.91 -3.42 2.73
CA LEU A 236 -13.86 -2.54 2.23
C LEU A 236 -12.47 -3.20 2.16
N ASP A 237 -12.42 -4.54 2.07
CA ASP A 237 -11.15 -5.26 1.99
C ASP A 237 -10.32 -4.93 0.74
N ALA A 238 -11.00 -4.82 -0.39
CA ALA A 238 -10.35 -4.60 -1.68
C ALA A 238 -9.61 -3.26 -1.63
N GLN A 239 -10.26 -2.27 -1.01
CA GLN A 239 -9.73 -0.91 -0.90
C GLN A 239 -8.64 -0.78 0.16
N ALA A 240 -8.65 -1.63 1.20
CA ALA A 240 -7.74 -1.43 2.34
C ALA A 240 -6.61 -2.50 2.41
N TYR A 241 -6.90 -3.75 2.07
CA TYR A 241 -5.91 -4.83 2.31
C TYR A 241 -6.04 -6.13 1.49
N GLY A 242 -6.85 -6.10 0.43
CA GLY A 242 -7.26 -7.32 -0.30
C GLY A 242 -6.53 -7.73 -1.57
N VAL A 243 -5.55 -6.98 -2.02
CA VAL A 243 -4.85 -7.30 -3.28
C VAL A 243 -3.84 -8.44 -3.13
N LYS A 244 -3.82 -9.35 -4.10
CA LYS A 244 -2.79 -10.37 -4.20
C LYS A 244 -2.09 -10.23 -5.54
N THR A 245 -0.79 -10.50 -5.55
CA THR A 245 0.04 -10.28 -6.74
C THR A 245 1.31 -11.11 -6.66
N ASN A 246 2.05 -11.22 -7.76
CA ASN A 246 3.33 -11.88 -7.76
C ASN A 246 4.43 -10.81 -7.79
N VAL A 247 5.67 -11.26 -7.69
CA VAL A 247 6.82 -10.39 -7.61
C VAL A 247 7.11 -9.65 -8.93
N GLN A 248 6.69 -10.19 -10.06
CA GLN A 248 6.90 -9.52 -11.35
C GLN A 248 5.99 -8.32 -11.44
N ASP A 249 4.69 -8.54 -11.22
CA ASP A 249 3.75 -7.42 -11.24
C ASP A 249 4.10 -6.34 -10.20
N MET A 250 4.50 -6.77 -9.00
CA MET A 250 4.88 -5.79 -7.97
C MET A 250 6.12 -4.98 -8.37
N ALA A 251 7.13 -5.62 -8.98
CA ALA A 251 8.30 -4.89 -9.47
C ALA A 251 7.89 -3.82 -10.49
N ASN A 252 6.96 -4.21 -11.35
CA ASN A 252 6.51 -3.31 -12.40
C ASN A 252 5.60 -2.21 -11.85
N TRP A 253 4.78 -2.54 -10.86
CA TRP A 253 4.10 -1.54 -10.06
C TRP A 253 5.08 -0.56 -9.44
N VAL A 254 6.12 -1.06 -8.80
CA VAL A 254 7.13 -0.15 -8.20
C VAL A 254 7.81 0.70 -9.26
N MET A 255 8.21 0.08 -10.37
CA MET A 255 8.84 0.81 -11.48
CA MET A 255 8.84 0.81 -11.48
C MET A 255 7.96 1.97 -11.98
N ALA A 256 6.66 1.70 -12.16
CA ALA A 256 5.71 2.73 -12.67
C ALA A 256 5.58 3.89 -11.71
N ASN A 257 5.55 3.59 -10.41
CA ASN A 257 5.45 4.64 -9.40
C ASN A 257 6.78 5.40 -9.23
N MET A 258 7.89 4.71 -9.46
CA MET A 258 9.24 5.31 -9.37
C MET A 258 9.55 6.22 -10.56
N ALA A 259 9.06 5.87 -11.74
CA ALA A 259 9.35 6.61 -12.98
C ALA A 259 8.06 6.78 -13.82
N PRO A 260 7.10 7.57 -13.33
CA PRO A 260 5.84 7.75 -14.04
C PRO A 260 5.93 8.47 -15.38
N GLU A 261 7.06 9.12 -15.66
CA GLU A 261 7.29 9.72 -16.97
C GLU A 261 7.10 8.69 -18.09
N ASN A 262 7.38 7.42 -17.81
CA ASN A 262 7.22 6.35 -18.80
C ASN A 262 5.82 5.76 -18.88
N VAL A 263 4.90 6.22 -18.02
CA VAL A 263 3.51 5.76 -18.06
C VAL A 263 2.77 6.60 -19.12
N ALA A 264 2.09 5.94 -20.05
CA ALA A 264 1.52 6.64 -21.23
C ALA A 264 0.17 7.32 -20.97
N ASP A 265 -0.73 6.63 -20.28
CA ASP A 265 -2.07 7.16 -20.06
CA ASP A 265 -2.10 7.12 -19.98
C ASP A 265 -1.98 8.38 -19.14
N ALA A 266 -2.54 9.48 -19.64
CA ALA A 266 -2.30 10.81 -19.08
C ALA A 266 -2.86 10.95 -17.66
N SER A 267 -4.09 10.48 -17.44
CA SER A 267 -4.71 10.58 -16.14
C SER A 267 -4.04 9.67 -15.09
N LEU A 268 -3.60 8.50 -15.55
CA LEU A 268 -2.92 7.52 -14.69
C LEU A 268 -1.57 8.08 -14.24
N LYS A 269 -0.86 8.68 -15.17
CA LYS A 269 0.39 9.35 -14.85
C LYS A 269 0.23 10.45 -13.81
N GLN A 270 -0.82 11.25 -13.94
CA GLN A 270 -1.12 12.29 -12.95
C GLN A 270 -1.57 11.68 -11.61
N GLY A 271 -2.28 10.55 -11.66
CA GLY A 271 -2.76 9.88 -10.46
C GLY A 271 -1.62 9.31 -9.64
N ILE A 272 -0.63 8.81 -10.33
CA ILE A 272 0.60 8.37 -9.68
C ILE A 272 1.30 9.52 -8.97
N ALA A 273 1.42 10.66 -9.64
CA ALA A 273 1.98 11.88 -9.05
C ALA A 273 1.17 12.34 -7.82
N LEU A 274 -0.15 12.33 -7.96
CA LEU A 274 -1.02 12.70 -6.84
C LEU A 274 -0.84 11.80 -5.61
N ALA A 275 -0.61 10.52 -5.84
CA ALA A 275 -0.48 9.56 -4.76
C ALA A 275 0.85 9.74 -3.98
N GLN A 276 1.88 10.32 -4.63
CA GLN A 276 3.19 10.59 -3.99
C GLN A 276 3.36 12.04 -3.64
N SER A 277 2.27 12.80 -3.75
CA SER A 277 2.26 14.22 -3.30
C SER A 277 2.18 14.25 -1.80
N ARG A 278 2.74 15.30 -1.19
CA ARG A 278 2.77 15.36 0.28
C ARG A 278 1.59 16.18 0.81
N TYR A 279 0.77 15.58 1.66
CA TYR A 279 -0.46 16.28 2.11
C TYR A 279 -0.33 16.79 3.56
N TRP A 280 0.44 16.04 4.34
CA TRP A 280 0.66 16.30 5.72
C TRP A 280 2.06 15.91 6.08
N ARG A 281 2.66 16.66 7.00
CA ARG A 281 3.87 16.19 7.69
C ARG A 281 3.48 15.69 9.08
N ILE A 282 4.01 14.51 9.42
CA ILE A 282 3.83 13.91 10.74
C ILE A 282 5.24 13.47 11.24
N GLY A 283 5.86 14.32 12.04
CA GLY A 283 7.24 14.08 12.50
C GLY A 283 8.19 14.09 11.30
N SER A 284 8.83 12.97 11.07
CA SER A 284 9.82 12.81 10.01
CA SER A 284 9.81 12.87 9.98
C SER A 284 9.24 12.28 8.68
N MET A 285 7.95 11.94 8.67
CA MET A 285 7.32 11.37 7.48
C MET A 285 6.27 12.31 6.91
N TYR A 286 5.91 12.02 5.66
CA TYR A 286 4.87 12.75 4.94
C TYR A 286 3.85 11.78 4.36
N GLN A 287 2.59 12.13 4.48
CA GLN A 287 1.50 11.26 4.02
C GLN A 287 1.10 11.58 2.58
N GLY A 288 1.19 10.58 1.71
CA GLY A 288 0.67 10.67 0.34
C GLY A 288 -0.71 10.01 0.29
N LEU A 289 -1.15 9.58 -0.89
CA LEU A 289 -2.37 8.75 -1.00
C LEU A 289 -1.92 7.27 -1.00
N GLY A 290 -2.01 6.61 0.14
CA GLY A 290 -1.49 5.26 0.32
C GLY A 290 0.02 5.22 0.60
N TRP A 291 0.81 5.76 -0.32
CA TRP A 291 2.25 5.90 -0.17
C TRP A 291 2.59 6.82 0.97
N GLU A 292 3.68 6.52 1.66
CA GLU A 292 4.29 7.43 2.64
C GLU A 292 5.70 7.75 2.23
N MET A 293 6.19 8.89 2.64
CA MET A 293 7.47 9.40 2.15
C MET A 293 8.29 10.00 3.29
N LEU A 294 9.60 9.80 3.23
CA LEU A 294 10.55 10.61 4.01
C LEU A 294 11.50 11.27 3.04
N ASN A 295 12.05 12.42 3.41
CA ASN A 295 13.03 13.11 2.57
C ASN A 295 14.32 12.32 2.49
N TRP A 296 14.87 12.22 1.29
CA TRP A 296 16.13 11.52 1.07
C TRP A 296 17.21 12.56 0.95
N PRO A 297 18.39 12.35 1.59
CA PRO A 297 18.84 11.18 2.36
C PRO A 297 18.19 11.08 3.73
N VAL A 298 17.94 9.83 4.12
CA VAL A 298 17.41 9.53 5.44
C VAL A 298 18.24 8.35 5.98
N GLU A 299 18.54 8.39 7.28
CA GLU A 299 19.23 7.28 7.90
C GLU A 299 18.27 6.15 8.22
N ALA A 300 18.83 4.94 8.33
CA ALA A 300 18.04 3.75 8.56
C ALA A 300 17.27 3.89 9.88
N ASN A 301 17.92 4.37 10.94
CA ASN A 301 17.24 4.44 12.22
C ASN A 301 16.01 5.33 12.21
N THR A 302 16.01 6.40 11.40
CA THR A 302 14.82 7.27 11.26
C THR A 302 13.62 6.45 10.70
N VAL A 303 13.86 5.76 9.59
CA VAL A 303 12.81 4.96 8.95
C VAL A 303 12.40 3.77 9.84
N VAL A 304 13.37 3.07 10.42
CA VAL A 304 13.07 1.95 11.30
C VAL A 304 12.20 2.33 12.49
N GLU A 305 12.59 3.41 13.20
CA GLU A 305 11.87 3.95 14.37
CA GLU A 305 11.85 3.82 14.36
C GLU A 305 10.42 4.29 14.04
N GLY A 306 10.21 4.95 12.88
CA GLY A 306 8.88 5.32 12.42
C GLY A 306 7.95 4.12 12.15
N SER A 307 8.52 2.98 11.77
CA SER A 307 7.75 1.75 11.43
C SER A 307 7.27 0.99 12.65
N ASP A 308 7.87 1.27 13.80
CA ASP A 308 7.44 0.64 15.04
C ASP A 308 5.96 0.88 15.28
N SER A 309 5.23 -0.14 15.73
CA SER A 309 3.79 -0.02 15.98
C SER A 309 3.42 1.12 16.93
N LYS A 310 4.29 1.43 17.89
CA LYS A 310 3.96 2.49 18.88
C LYS A 310 3.93 3.88 18.22
N VAL A 311 4.62 4.03 17.09
CA VAL A 311 4.51 5.22 16.27
C VAL A 311 3.44 5.03 15.19
N ALA A 312 3.59 3.97 14.40
CA ALA A 312 2.76 3.77 13.20
C ALA A 312 1.27 3.69 13.50
N LEU A 313 0.87 3.17 14.65
CA LEU A 313 -0.58 3.05 14.96
C LEU A 313 -1.12 4.18 15.82
N ALA A 314 -0.27 5.08 16.27
CA ALA A 314 -0.65 6.17 17.16
C ALA A 314 -1.38 7.29 16.43
N PRO A 315 -2.33 7.95 17.16
CA PRO A 315 -2.91 9.18 16.69
C PRO A 315 -1.90 10.29 16.92
N LEU A 316 -1.54 11.02 15.87
CA LEU A 316 -0.45 11.99 15.97
C LEU A 316 -0.85 13.31 15.32
N PRO A 317 -0.40 14.43 15.88
CA PRO A 317 -0.74 15.70 15.25
C PRO A 317 -0.08 15.87 13.89
N VAL A 318 -0.73 16.63 13.02
CA VAL A 318 -0.30 16.84 11.66
C VAL A 318 0.08 18.29 11.43
N ALA A 319 0.96 18.50 10.46
CA ALA A 319 1.24 19.82 9.93
C ALA A 319 0.81 19.80 8.47
N GLU A 320 -0.14 20.67 8.11
CA GLU A 320 -0.74 20.66 6.79
C GLU A 320 0.27 21.05 5.72
N VAL A 321 0.25 20.36 4.58
CA VAL A 321 1.00 20.82 3.44
C VAL A 321 -0.05 21.32 2.43
N ASN A 322 -0.27 22.63 2.43
CA ASN A 322 -1.30 23.28 1.61
C ASN A 322 -0.71 24.45 0.81
N PRO A 323 -0.76 24.42 -0.53
CA PRO A 323 -1.27 23.34 -1.38
C PRO A 323 -0.39 22.13 -1.24
N PRO A 324 -0.92 20.94 -1.55
CA PRO A 324 -0.08 19.74 -1.52
C PRO A 324 1.17 19.92 -2.34
N ALA A 325 2.30 19.47 -1.81
CA ALA A 325 3.55 19.47 -2.53
C ALA A 325 3.58 18.31 -3.54
N PRO A 326 3.84 18.61 -4.84
CA PRO A 326 4.03 17.54 -5.83
C PRO A 326 5.21 16.62 -5.52
N PRO A 327 5.28 15.48 -6.23
CA PRO A 327 6.27 14.49 -5.89
C PRO A 327 7.72 15.09 -5.77
N VAL A 328 8.37 14.69 -4.69
CA VAL A 328 9.74 15.10 -4.44
C VAL A 328 10.59 13.89 -4.86
N LYS A 329 11.45 14.06 -5.88
CA LYS A 329 12.24 12.95 -6.39
C LYS A 329 13.18 12.42 -5.31
N ALA A 330 13.72 13.31 -4.47
CA ALA A 330 14.60 12.91 -3.37
C ALA A 330 13.77 12.51 -2.15
N SER A 331 13.11 11.36 -2.29
CA SER A 331 12.27 10.78 -1.24
C SER A 331 12.60 9.31 -1.09
N TRP A 332 12.53 8.82 0.14
CA TRP A 332 12.32 7.40 0.41
C TRP A 332 10.85 7.20 0.41
N VAL A 333 10.34 6.48 -0.58
CA VAL A 333 8.90 6.26 -0.73
C VAL A 333 8.65 4.80 -0.40
N HIS A 334 7.69 4.52 0.46
CA HIS A 334 7.48 3.16 0.92
C HIS A 334 6.10 2.86 1.43
N LYS A 335 5.83 1.57 1.61
CA LYS A 335 4.64 1.08 2.28
C LYS A 335 4.87 -0.35 2.77
N THR A 336 4.52 -0.60 4.03
CA THR A 336 4.49 -1.95 4.59
C THR A 336 3.03 -2.45 4.65
N GLY A 337 2.85 -3.77 4.58
CA GLY A 337 1.53 -4.34 4.64
C GLY A 337 1.59 -5.78 5.08
N SER A 338 0.55 -6.18 5.82
CA SER A 338 0.47 -7.49 6.38
C SER A 338 -0.97 -7.98 6.33
N THR A 339 -1.13 -9.30 6.28
CA THR A 339 -2.39 -9.97 6.61
C THR A 339 -2.05 -10.93 7.77
N GLY A 340 -2.92 -11.89 8.10
CA GLY A 340 -2.63 -12.87 9.16
C GLY A 340 -1.38 -13.72 8.86
N GLY A 341 -1.23 -14.10 7.60
CA GLY A 341 -0.13 -14.99 7.22
C GLY A 341 0.92 -14.43 6.28
N PHE A 342 0.82 -13.16 5.90
CA PHE A 342 1.79 -12.56 4.97
C PHE A 342 2.35 -11.25 5.50
N GLY A 343 3.56 -10.92 5.06
CA GLY A 343 4.24 -9.67 5.41
C GLY A 343 5.02 -9.22 4.18
N SER A 344 4.71 -8.03 3.68
CA SER A 344 5.33 -7.48 2.50
C SER A 344 5.83 -6.06 2.79
N TYR A 345 6.79 -5.63 1.99
CA TYR A 345 7.33 -4.29 2.08
C TYR A 345 7.88 -3.86 0.74
N VAL A 346 7.66 -2.58 0.40
CA VAL A 346 8.22 -1.96 -0.82
C VAL A 346 8.74 -0.59 -0.45
N ALA A 347 9.89 -0.25 -1.03
CA ALA A 347 10.48 1.06 -0.91
C ALA A 347 11.18 1.41 -2.20
N PHE A 348 11.18 2.70 -2.56
CA PHE A 348 11.94 3.17 -3.71
C PHE A 348 12.40 4.62 -3.52
N ILE A 349 13.44 5.00 -4.26
CA ILE A 349 14.03 6.34 -4.20
C ILE A 349 14.06 6.86 -5.65
N PRO A 350 13.10 7.70 -6.03
CA PRO A 350 13.04 8.10 -7.46
C PRO A 350 14.30 8.81 -7.98
N GLU A 351 14.91 9.68 -7.15
CA GLU A 351 16.17 10.33 -7.53
C GLU A 351 17.24 9.36 -7.98
N LYS A 352 17.35 8.23 -7.28
CA LYS A 352 18.39 7.25 -7.57
C LYS A 352 17.96 6.16 -8.55
N GLN A 353 16.67 6.12 -8.87
CA GLN A 353 16.08 5.07 -9.71
C GLN A 353 16.41 3.65 -9.20
N ILE A 354 16.26 3.47 -7.88
CA ILE A 354 16.42 2.16 -7.25
C ILE A 354 15.19 1.89 -6.42
N GLY A 355 14.85 0.60 -6.25
CA GLY A 355 13.67 0.20 -5.48
C GLY A 355 13.72 -1.27 -5.16
N ILE A 356 12.92 -1.69 -4.20
CA ILE A 356 12.90 -3.08 -3.74
C ILE A 356 11.46 -3.49 -3.37
N VAL A 357 11.17 -4.77 -3.62
CA VAL A 357 9.94 -5.46 -3.24
C VAL A 357 10.34 -6.69 -2.45
N MET A 358 9.80 -6.85 -1.25
CA MET A 358 10.01 -8.03 -0.44
C MET A 358 8.65 -8.62 -0.06
N LEU A 359 8.32 -9.76 -0.65
CA LEU A 359 7.05 -10.44 -0.37
C LEU A 359 7.35 -11.68 0.42
N ALA A 360 6.65 -11.86 1.54
CA ALA A 360 6.86 -13.05 2.38
C ALA A 360 5.57 -13.64 2.85
N ASN A 361 5.58 -14.97 3.05
CA ASN A 361 4.42 -15.68 3.57
C ASN A 361 4.47 -15.99 5.07
N THR A 362 5.02 -15.04 5.81
CA THR A 362 4.66 -14.84 7.23
CA THR A 362 4.68 -14.86 7.23
C THR A 362 4.82 -13.37 7.56
N SER A 363 3.98 -12.88 8.48
CA SER A 363 4.07 -11.49 8.93
C SER A 363 5.11 -11.33 10.04
N TYR A 364 6.29 -10.87 9.68
CA TYR A 364 7.39 -10.62 10.64
C TYR A 364 7.51 -9.10 10.94
N PRO A 365 8.31 -8.71 11.96
CA PRO A 365 8.20 -7.32 12.41
C PRO A 365 8.60 -6.31 11.33
N ASN A 366 7.82 -5.24 11.22
CA ASN A 366 8.09 -4.18 10.26
C ASN A 366 9.50 -3.57 10.37
N PRO A 367 10.02 -3.30 11.59
CA PRO A 367 11.42 -2.79 11.66
C PRO A 367 12.39 -3.70 10.92
N ALA A 368 12.17 -5.01 11.02
CA ALA A 368 13.04 -5.97 10.35
C ALA A 368 12.95 -5.84 8.83
N ARG A 369 11.75 -5.53 8.31
CA ARG A 369 11.56 -5.33 6.86
C ARG A 369 12.34 -4.10 6.39
N VAL A 370 12.13 -2.99 7.10
CA VAL A 370 12.84 -1.77 6.81
C VAL A 370 14.36 -1.95 6.81
N GLU A 371 14.90 -2.61 7.84
CA GLU A 371 16.35 -2.73 7.98
C GLU A 371 16.98 -3.45 6.80
N ALA A 372 16.40 -4.59 6.44
CA ALA A 372 16.79 -5.39 5.29
C ALA A 372 16.66 -4.62 3.96
N ALA A 373 15.51 -3.95 3.74
CA ALA A 373 15.30 -3.15 2.52
C ALA A 373 16.36 -2.02 2.41
N TYR A 374 16.54 -1.29 3.51
CA TYR A 374 17.54 -0.22 3.53
C TYR A 374 18.96 -0.74 3.22
N HIS A 375 19.32 -1.87 3.82
CA HIS A 375 20.64 -2.46 3.64
C HIS A 375 20.89 -2.87 2.22
N ILE A 376 19.92 -3.50 1.58
CA ILE A 376 20.09 -3.89 0.19
C ILE A 376 20.23 -2.67 -0.69
N LEU A 377 19.36 -1.66 -0.50
CA LEU A 377 19.39 -0.48 -1.37
C LEU A 377 20.65 0.37 -1.12
N GLU A 378 21.18 0.32 0.09
CA GLU A 378 22.41 1.04 0.42
C GLU A 378 23.58 0.51 -0.44
N ALA A 379 23.53 -0.77 -0.76
CA ALA A 379 24.61 -1.39 -1.55
C ALA A 379 24.63 -0.83 -2.96
N LEU A 380 23.53 -0.20 -3.38
CA LEU A 380 23.44 0.33 -4.74
C LEU A 380 23.79 1.83 -4.83
N GLN A 381 24.30 2.42 -3.74
CA GLN A 381 24.50 3.89 -3.71
C GLN A 381 25.94 4.32 -3.85
#